data_1UXU
#
_entry.id   1UXU
#
_cell.length_a   185.290
_cell.length_b   185.290
_cell.length_c   131.790
_cell.angle_alpha   90.00
_cell.angle_beta   90.00
_cell.angle_gamma   120.00
#
_symmetry.space_group_name_H-M   'P 62 2 2'
#
loop_
_entity.id
_entity.type
_entity.pdbx_description
1 polymer 'GLYCERALDEHYDE-3-PHOSPHATE DEHYDROGENASE (NADP+)'
2 non-polymer 'NADP NICOTINAMIDE-ADENINE-DINUCLEOTIDE PHOSPHATE'
3 non-polymer 'ADENOSINE MONOPHOSPHATE'
4 non-polymer GLYCERALDEHYDE-3-PHOSPHATE
5 non-polymer 'SODIUM ION'
6 water water
#
_entity_poly.entity_id   1
_entity_poly.type   'polypeptide(L)'
_entity_poly.pdbx_seq_one_letter_code
;MRAGLLEGVIKEKGGVPVYPSYLAGEWGGSGQEIEVKSPIDLATIAKVISPSREEVERTLDVLFKRGRWSARDMPGTERL
AVLRKAADIIERNLDVFAEVLVMNAGKPKSAAVGEVKAAVDRLRLAELDLKKIGGDYIPGDWTYDTLETEGLVRREPLGV
VAAITPFNYPLFDAVNKITYSFIYGNAVVVKPSISDPLPAAMAVKALLDAGFPPDAIALLNLPGKEAEKIVADDRVAAVS
FTGSTEVGERVVKVGGVKQYVMELGGGDPAIVLEDADLDLAADKIARGIYSYAGQRCDAIKLVLAERPVYGKLVEEVAKR
LSSLRVGDPRDPTVDVGPLISPSAVDEMMAAIEDAVEKGGRVLAGGRRLGPTYVQPTFVEAPADRVKDMVLYKREVFAPV
ALAVEVKDLDQAIELANGRPYGLDAAVFGRDVVKIRRAVRLLEVGAIYINDMPRHGIGYYPFGGRKKSGVFREGIGYAVE
AVTAYKTIVFNYKGKGVWKYE
;
_entity_poly.pdbx_strand_id   A
#
loop_
_chem_comp.id
_chem_comp.type
_chem_comp.name
_chem_comp.formula
AMP non-polymer 'ADENOSINE MONOPHOSPHATE' 'C10 H14 N5 O7 P'
G3H non-polymer GLYCERALDEHYDE-3-PHOSPHATE 'C3 H7 O6 P'
NA non-polymer 'SODIUM ION' 'Na 1'
NAP non-polymer 'NADP NICOTINAMIDE-ADENINE-DINUCLEOTIDE PHOSPHATE' 'C21 H28 N7 O17 P3'
#
# COMPACT_ATOMS: atom_id res chain seq x y z
N ALA A 3 1.39 -20.27 -18.34
CA ALA A 3 1.90 -21.57 -17.78
C ALA A 3 2.28 -21.45 -16.29
N GLY A 4 2.95 -22.50 -15.80
CA GLY A 4 3.38 -22.55 -14.41
C GLY A 4 2.27 -23.02 -13.50
N LEU A 5 2.00 -22.24 -12.45
CA LEU A 5 0.94 -22.61 -11.54
C LEU A 5 -0.40 -22.24 -12.15
N LEU A 6 -0.37 -21.51 -13.26
CA LEU A 6 -1.60 -21.11 -13.91
C LEU A 6 -1.96 -22.01 -15.10
N GLU A 7 -1.36 -23.19 -15.11
CA GLU A 7 -1.54 -24.22 -16.13
C GLU A 7 -2.95 -24.29 -16.73
N GLY A 8 -3.87 -24.91 -16.02
CA GLY A 8 -5.22 -25.05 -16.53
C GLY A 8 -6.11 -23.83 -16.37
N VAL A 9 -5.52 -22.71 -15.95
CA VAL A 9 -6.27 -21.47 -15.72
C VAL A 9 -6.22 -20.52 -16.92
N ILE A 10 -5.03 -20.09 -17.27
CA ILE A 10 -4.83 -19.18 -18.40
C ILE A 10 -5.26 -19.82 -19.73
N LYS A 11 -5.95 -19.05 -20.56
CA LYS A 11 -6.39 -19.54 -21.86
C LYS A 11 -5.56 -18.87 -22.95
N GLU A 12 -4.80 -19.66 -23.70
CA GLU A 12 -4.00 -19.12 -24.80
C GLU A 12 -4.94 -18.97 -25.99
N LYS A 13 -6.01 -18.21 -25.76
CA LYS A 13 -7.05 -17.93 -26.73
C LYS A 13 -6.49 -16.92 -27.74
N GLY A 14 -6.53 -17.29 -29.03
CA GLY A 14 -6.04 -16.41 -30.06
C GLY A 14 -4.54 -16.24 -30.07
N GLY A 15 -4.05 -15.10 -29.58
CA GLY A 15 -2.61 -14.87 -29.55
C GLY A 15 -1.98 -14.53 -28.20
N VAL A 16 -2.73 -13.87 -27.31
CA VAL A 16 -2.18 -13.51 -26.00
C VAL A 16 -2.84 -14.29 -24.88
N PRO A 17 -2.10 -14.52 -23.78
CA PRO A 17 -2.69 -15.26 -22.66
C PRO A 17 -3.89 -14.52 -22.07
N VAL A 18 -4.99 -15.24 -21.84
CA VAL A 18 -6.21 -14.64 -21.27
C VAL A 18 -6.48 -15.12 -19.83
N TYR A 19 -6.28 -14.20 -18.88
CA TYR A 19 -6.47 -14.46 -17.44
C TYR A 19 -7.91 -14.26 -17.01
N PRO A 20 -8.57 -15.33 -16.54
CA PRO A 20 -9.97 -15.20 -16.11
C PRO A 20 -10.04 -14.75 -14.64
N SER A 21 -11.21 -14.33 -14.20
CA SER A 21 -11.42 -13.93 -12.81
C SER A 21 -11.68 -15.18 -11.96
N TYR A 22 -11.44 -15.12 -10.65
CA TYR A 22 -11.75 -16.27 -9.82
C TYR A 22 -13.08 -15.95 -9.10
N LEU A 23 -14.14 -16.70 -9.43
CA LEU A 23 -15.47 -16.46 -8.87
C LEU A 23 -15.87 -17.24 -7.63
N ALA A 24 -14.96 -17.34 -6.66
CA ALA A 24 -15.25 -18.05 -5.42
C ALA A 24 -15.68 -19.48 -5.65
N GLY A 25 -14.84 -20.27 -6.31
CA GLY A 25 -15.17 -21.66 -6.55
C GLY A 25 -14.64 -22.19 -7.87
N GLU A 26 -14.77 -21.37 -8.90
CA GLU A 26 -14.33 -21.73 -10.25
C GLU A 26 -13.72 -20.51 -10.97
N TRP A 27 -12.63 -20.73 -11.70
CA TRP A 27 -12.04 -19.63 -12.46
C TRP A 27 -12.96 -19.44 -13.65
N GLY A 28 -13.14 -18.21 -14.12
CA GLY A 28 -14.03 -17.98 -15.25
C GLY A 28 -14.42 -16.54 -15.49
N GLY A 29 -15.65 -16.35 -15.96
CA GLY A 29 -16.15 -15.02 -16.25
C GLY A 29 -16.69 -14.91 -17.67
N SER A 30 -17.74 -14.12 -17.86
CA SER A 30 -18.32 -13.95 -19.18
C SER A 30 -18.62 -12.49 -19.49
N GLY A 31 -17.72 -11.61 -19.04
CA GLY A 31 -17.88 -10.19 -19.29
C GLY A 31 -16.83 -9.75 -20.29
N GLN A 32 -16.73 -8.46 -20.55
CA GLN A 32 -15.77 -7.93 -21.51
C GLN A 32 -14.34 -8.39 -21.17
N GLU A 33 -13.54 -8.64 -22.19
CA GLU A 33 -12.14 -9.02 -21.95
C GLU A 33 -11.42 -7.68 -21.98
N ILE A 34 -10.30 -7.55 -21.28
CA ILE A 34 -9.58 -6.28 -21.25
C ILE A 34 -8.09 -6.49 -21.42
N GLU A 35 -7.47 -5.63 -22.21
CA GLU A 35 -6.04 -5.71 -22.48
C GLU A 35 -5.19 -5.20 -21.32
N VAL A 36 -4.07 -5.89 -21.08
CA VAL A 36 -3.12 -5.53 -20.04
C VAL A 36 -1.82 -5.19 -20.75
N LYS A 37 -1.45 -3.92 -20.75
CA LYS A 37 -0.24 -3.51 -21.43
C LYS A 37 0.92 -3.31 -20.47
N SER A 38 2.14 -3.28 -21.01
CA SER A 38 3.33 -3.10 -20.20
C SER A 38 3.88 -1.69 -20.39
N PRO A 39 4.27 -1.03 -19.29
CA PRO A 39 4.81 0.31 -19.46
C PRO A 39 6.16 0.28 -20.15
N ILE A 40 6.76 -0.91 -20.21
CA ILE A 40 8.07 -1.06 -20.84
C ILE A 40 8.05 -0.81 -22.35
N ASP A 41 6.97 -1.20 -23.03
CA ASP A 41 6.84 -1.01 -24.48
C ASP A 41 5.41 -0.79 -24.94
N LEU A 42 4.57 -0.32 -24.04
CA LEU A 42 3.16 -0.07 -24.34
C LEU A 42 2.47 -1.18 -25.10
N ALA A 43 3.05 -2.36 -25.09
CA ALA A 43 2.47 -3.49 -25.81
C ALA A 43 1.55 -4.34 -24.93
N THR A 44 0.53 -4.93 -25.54
CA THR A 44 -0.42 -5.80 -24.86
C THR A 44 0.23 -7.15 -24.51
N ILE A 45 0.36 -7.44 -23.22
CA ILE A 45 0.99 -8.70 -22.82
C ILE A 45 0.00 -9.77 -22.36
N ALA A 46 -1.27 -9.39 -22.26
CA ALA A 46 -2.28 -10.34 -21.84
C ALA A 46 -3.63 -9.68 -21.79
N LYS A 47 -4.64 -10.46 -21.44
CA LYS A 47 -6.00 -9.96 -21.31
C LYS A 47 -6.61 -10.58 -20.05
N VAL A 48 -7.60 -9.91 -19.48
CA VAL A 48 -8.29 -10.44 -18.28
C VAL A 48 -9.77 -10.44 -18.59
N ILE A 49 -10.46 -11.46 -18.10
CA ILE A 49 -11.90 -11.55 -18.32
C ILE A 49 -12.59 -10.96 -17.09
N SER A 50 -13.33 -9.87 -17.28
CA SER A 50 -14.03 -9.26 -16.17
C SER A 50 -15.34 -10.04 -16.02
N PRO A 51 -15.86 -10.12 -14.79
CA PRO A 51 -17.11 -10.85 -14.58
C PRO A 51 -18.31 -10.02 -14.97
N SER A 52 -19.39 -10.69 -15.34
CA SER A 52 -20.62 -10.01 -15.71
C SER A 52 -21.29 -9.60 -14.40
N ARG A 53 -22.30 -8.75 -14.49
CA ARG A 53 -23.00 -8.32 -13.29
C ARG A 53 -23.55 -9.50 -12.52
N GLU A 54 -24.16 -10.45 -13.22
CA GLU A 54 -24.72 -11.63 -12.57
C GLU A 54 -23.65 -12.46 -11.86
N GLU A 55 -22.42 -12.44 -12.38
CA GLU A 55 -21.33 -13.19 -11.79
C GLU A 55 -20.79 -12.48 -10.55
N VAL A 56 -20.83 -11.17 -10.56
CA VAL A 56 -20.38 -10.39 -9.42
C VAL A 56 -21.39 -10.71 -8.31
N GLU A 57 -22.66 -10.63 -8.67
CA GLU A 57 -23.74 -10.92 -7.74
C GLU A 57 -23.63 -12.32 -7.16
N ARG A 58 -23.40 -13.32 -8.01
CA ARG A 58 -23.29 -14.69 -7.53
C ARG A 58 -22.06 -14.89 -6.65
N THR A 59 -20.96 -14.23 -7.01
CA THR A 59 -19.74 -14.37 -6.23
C THR A 59 -19.91 -13.80 -4.81
N LEU A 60 -20.47 -12.60 -4.73
CA LEU A 60 -20.69 -11.97 -3.43
C LEU A 60 -21.59 -12.87 -2.62
N ASP A 61 -22.61 -13.42 -3.27
CA ASP A 61 -23.54 -14.31 -2.59
C ASP A 61 -22.83 -15.54 -2.03
N VAL A 62 -21.90 -16.11 -2.80
CA VAL A 62 -21.19 -17.28 -2.30
C VAL A 62 -20.29 -16.90 -1.13
N LEU A 63 -19.52 -15.83 -1.30
CA LEU A 63 -18.59 -15.37 -0.25
C LEU A 63 -19.31 -15.14 1.09
N PHE A 64 -20.50 -14.55 1.01
CA PHE A 64 -21.32 -14.25 2.17
C PHE A 64 -22.01 -15.44 2.80
N LYS A 65 -22.68 -16.24 1.99
CA LYS A 65 -23.38 -17.40 2.54
C LYS A 65 -22.49 -18.59 2.88
N ARG A 66 -21.36 -18.74 2.19
CA ARG A 66 -20.46 -19.87 2.43
C ARG A 66 -19.04 -19.47 2.79
N GLY A 67 -18.47 -18.53 2.05
CA GLY A 67 -17.11 -18.07 2.31
C GLY A 67 -16.82 -17.67 3.76
N ARG A 68 -17.67 -16.83 4.34
CA ARG A 68 -17.49 -16.42 5.72
C ARG A 68 -17.33 -17.63 6.61
N TRP A 69 -18.17 -18.64 6.41
CA TRP A 69 -18.09 -19.82 7.26
C TRP A 69 -16.89 -20.72 6.97
N SER A 70 -16.47 -20.86 5.71
CA SER A 70 -15.32 -21.72 5.37
C SER A 70 -14.05 -21.13 5.95
N ALA A 71 -13.95 -19.82 5.85
CA ALA A 71 -12.78 -19.11 6.37
C ALA A 71 -12.79 -19.21 7.90
N ARG A 72 -13.91 -18.81 8.49
CA ARG A 72 -14.04 -18.81 9.95
C ARG A 72 -13.97 -20.20 10.58
N ASP A 73 -14.65 -21.19 9.96
CA ASP A 73 -14.63 -22.53 10.53
C ASP A 73 -13.37 -23.33 10.27
N MET A 74 -12.39 -22.73 9.60
CA MET A 74 -11.10 -23.36 9.42
C MET A 74 -10.30 -22.78 10.62
N PRO A 75 -9.89 -23.64 11.56
CA PRO A 75 -9.14 -23.13 12.73
C PRO A 75 -7.90 -22.35 12.33
N GLY A 76 -7.54 -21.38 13.17
CA GLY A 76 -6.36 -20.57 12.91
C GLY A 76 -5.08 -21.36 12.64
N THR A 77 -4.87 -22.45 13.38
CA THR A 77 -3.66 -23.22 13.16
C THR A 77 -3.59 -23.71 11.71
N GLU A 78 -4.74 -24.01 11.12
CA GLU A 78 -4.78 -24.46 9.74
C GLU A 78 -4.63 -23.29 8.78
N ARG A 79 -5.23 -22.14 9.12
CA ARG A 79 -5.11 -20.98 8.24
C ARG A 79 -3.62 -20.65 8.09
N LEU A 80 -2.88 -20.75 9.17
CA LEU A 80 -1.45 -20.46 9.15
C LEU A 80 -0.73 -21.47 8.22
N ALA A 81 -1.12 -22.75 8.28
CA ALA A 81 -0.51 -23.76 7.42
C ALA A 81 -0.77 -23.36 5.96
N VAL A 82 -2.00 -22.96 5.66
CA VAL A 82 -2.33 -22.55 4.32
C VAL A 82 -1.41 -21.43 3.86
N LEU A 83 -1.26 -20.41 4.70
CA LEU A 83 -0.41 -19.28 4.33
C LEU A 83 1.05 -19.68 4.17
N ARG A 84 1.55 -20.54 5.05
CA ARG A 84 2.93 -20.99 4.96
C ARG A 84 3.18 -21.78 3.68
N LYS A 85 2.19 -22.59 3.28
CA LYS A 85 2.29 -23.39 2.08
C LYS A 85 2.30 -22.42 0.89
N ALA A 86 1.41 -21.43 0.92
CA ALA A 86 1.36 -20.48 -0.17
C ALA A 86 2.70 -19.76 -0.28
N ALA A 87 3.31 -19.47 0.85
CA ALA A 87 4.60 -18.80 0.81
C ALA A 87 5.57 -19.70 0.03
N ASP A 88 5.61 -20.98 0.40
CA ASP A 88 6.51 -21.93 -0.28
C ASP A 88 6.32 -21.96 -1.79
N ILE A 89 5.08 -22.00 -2.23
CA ILE A 89 4.78 -22.05 -3.64
C ILE A 89 5.31 -20.80 -4.35
N ILE A 90 5.00 -19.63 -3.80
CA ILE A 90 5.47 -18.40 -4.43
C ILE A 90 7.00 -18.35 -4.46
N GLU A 91 7.62 -18.78 -3.37
CA GLU A 91 9.08 -18.77 -3.29
C GLU A 91 9.73 -19.65 -4.36
N ARG A 92 9.19 -20.83 -4.62
CA ARG A 92 9.82 -21.67 -5.63
C ARG A 92 9.53 -21.16 -7.04
N ASN A 93 8.48 -20.36 -7.20
CA ASN A 93 8.13 -19.77 -8.48
C ASN A 93 8.58 -18.31 -8.48
N LEU A 94 9.58 -18.00 -7.68
CA LEU A 94 10.05 -16.62 -7.57
C LEU A 94 10.35 -15.90 -8.89
N ASP A 95 11.31 -16.43 -9.66
CA ASP A 95 11.70 -15.81 -10.92
C ASP A 95 10.49 -15.49 -11.78
N VAL A 96 9.52 -16.39 -11.82
CA VAL A 96 8.33 -16.15 -12.61
C VAL A 96 7.47 -15.01 -12.05
N PHE A 97 7.35 -14.93 -10.72
CA PHE A 97 6.56 -13.85 -10.11
C PHE A 97 7.30 -12.54 -10.39
N ALA A 98 8.61 -12.58 -10.21
CA ALA A 98 9.43 -11.38 -10.46
C ALA A 98 9.34 -10.96 -11.93
N GLU A 99 9.49 -11.92 -12.85
CA GLU A 99 9.43 -11.63 -14.28
C GLU A 99 8.15 -10.89 -14.62
N VAL A 100 7.02 -11.38 -14.10
CA VAL A 100 5.74 -10.74 -14.37
C VAL A 100 5.62 -9.35 -13.76
N LEU A 101 6.26 -9.12 -12.61
CA LEU A 101 6.21 -7.79 -12.00
C LEU A 101 6.99 -6.83 -12.90
N VAL A 102 8.21 -7.24 -13.27
CA VAL A 102 9.07 -6.43 -14.13
C VAL A 102 8.36 -6.04 -15.41
N MET A 103 7.73 -7.00 -16.07
CA MET A 103 7.05 -6.74 -17.34
C MET A 103 5.74 -6.01 -17.19
N ASN A 104 4.90 -6.47 -16.28
CA ASN A 104 3.59 -5.86 -16.12
C ASN A 104 3.59 -4.50 -15.40
N ALA A 105 4.46 -4.34 -14.40
CA ALA A 105 4.52 -3.11 -13.63
C ALA A 105 5.66 -2.18 -14.02
N GLY A 106 6.66 -2.74 -14.70
CA GLY A 106 7.79 -1.93 -15.15
C GLY A 106 8.76 -1.72 -14.02
N LYS A 107 8.73 -2.64 -13.07
CA LYS A 107 9.59 -2.53 -11.91
C LYS A 107 10.96 -3.12 -12.15
N PRO A 108 12.03 -2.40 -11.77
CA PRO A 108 13.39 -2.91 -11.96
C PRO A 108 13.44 -4.33 -11.40
N LYS A 109 14.37 -5.15 -11.89
CA LYS A 109 14.50 -6.53 -11.43
C LYS A 109 14.73 -6.65 -9.93
N SER A 110 15.72 -5.94 -9.40
CA SER A 110 15.99 -6.05 -7.97
C SER A 110 14.74 -5.71 -7.13
N ALA A 111 14.03 -4.66 -7.54
CA ALA A 111 12.83 -4.25 -6.80
C ALA A 111 11.73 -5.31 -6.95
N ALA A 112 11.62 -5.89 -8.14
CA ALA A 112 10.61 -6.90 -8.37
C ALA A 112 10.91 -8.12 -7.49
N VAL A 113 12.16 -8.51 -7.37
CA VAL A 113 12.49 -9.66 -6.55
C VAL A 113 12.22 -9.30 -5.09
N GLY A 114 12.48 -8.05 -4.72
CA GLY A 114 12.26 -7.62 -3.35
C GLY A 114 10.79 -7.74 -2.99
N GLU A 115 9.91 -7.36 -3.92
CA GLU A 115 8.48 -7.44 -3.67
C GLU A 115 8.05 -8.89 -3.47
N VAL A 116 8.54 -9.80 -4.31
CA VAL A 116 8.16 -11.20 -4.16
C VAL A 116 8.63 -11.71 -2.81
N LYS A 117 9.85 -11.37 -2.43
CA LYS A 117 10.37 -11.82 -1.15
C LYS A 117 9.55 -11.20 -0.01
N ALA A 118 8.98 -10.01 -0.24
CA ALA A 118 8.18 -9.35 0.80
C ALA A 118 6.90 -10.16 0.98
N ALA A 119 6.27 -10.51 -0.15
CA ALA A 119 5.04 -11.30 -0.13
C ALA A 119 5.26 -12.61 0.59
N VAL A 120 6.37 -13.25 0.28
CA VAL A 120 6.67 -14.52 0.92
C VAL A 120 6.85 -14.36 2.42
N ASP A 121 7.64 -13.36 2.82
CA ASP A 121 7.89 -13.13 4.25
C ASP A 121 6.60 -12.79 4.99
N ARG A 122 5.76 -11.99 4.35
CA ARG A 122 4.51 -11.59 4.97
C ARG A 122 3.67 -12.82 5.28
N LEU A 123 3.56 -13.74 4.32
CA LEU A 123 2.76 -14.95 4.50
C LEU A 123 3.33 -15.82 5.58
N ARG A 124 4.64 -15.95 5.57
CA ARG A 124 5.37 -16.78 6.48
C ARG A 124 5.38 -16.23 7.92
N LEU A 125 5.18 -14.92 8.07
CA LEU A 125 5.21 -14.28 9.38
C LEU A 125 3.82 -13.94 9.93
N ALA A 126 2.78 -14.58 9.37
CA ALA A 126 1.43 -14.32 9.84
C ALA A 126 1.30 -14.66 11.32
N GLU A 127 2.19 -15.48 11.87
CA GLU A 127 2.08 -15.81 13.29
C GLU A 127 2.29 -14.55 14.12
N LEU A 128 3.09 -13.59 13.63
CA LEU A 128 3.33 -12.38 14.40
C LEU A 128 2.06 -11.54 14.56
N ASP A 129 1.13 -11.68 13.63
CA ASP A 129 -0.11 -10.92 13.72
C ASP A 129 -0.94 -11.33 14.93
N LEU A 130 -0.53 -12.42 15.57
CA LEU A 130 -1.25 -12.92 16.73
C LEU A 130 -0.96 -12.12 17.99
N LYS A 131 0.07 -11.28 17.95
CA LYS A 131 0.40 -10.48 19.12
C LYS A 131 -0.79 -9.63 19.56
N LYS A 132 -1.65 -9.24 18.62
CA LYS A 132 -2.82 -8.46 18.98
C LYS A 132 -4.08 -9.33 18.89
N ILE A 133 -3.95 -10.60 19.28
CA ILE A 133 -5.09 -11.51 19.19
C ILE A 133 -5.88 -11.66 20.49
N GLY A 134 -5.25 -11.58 21.65
CA GLY A 134 -6.02 -11.74 22.87
C GLY A 134 -7.24 -10.83 23.04
N GLY A 135 -8.01 -11.06 24.10
CA GLY A 135 -9.18 -10.24 24.38
C GLY A 135 -8.98 -9.58 25.73
N ASP A 136 -10.05 -8.99 26.29
CA ASP A 136 -9.95 -8.33 27.60
C ASP A 136 -10.98 -8.83 28.61
N TYR A 137 -10.57 -8.94 29.86
CA TYR A 137 -11.47 -9.38 30.93
C TYR A 137 -11.62 -8.12 31.79
N ILE A 138 -12.84 -7.60 31.88
CA ILE A 138 -13.09 -6.38 32.65
C ILE A 138 -13.90 -6.70 33.91
N PRO A 139 -13.27 -6.68 35.10
CA PRO A 139 -14.03 -6.98 36.34
C PRO A 139 -14.99 -5.80 36.59
N GLY A 140 -16.15 -6.05 37.21
CA GLY A 140 -17.09 -4.94 37.37
C GLY A 140 -17.22 -4.21 38.70
N ASP A 141 -16.34 -4.49 39.66
CA ASP A 141 -16.48 -3.87 40.98
C ASP A 141 -15.87 -2.48 41.17
N TRP A 142 -15.57 -1.78 40.07
CA TRP A 142 -14.96 -0.46 40.15
C TRP A 142 -15.98 0.66 40.00
N THR A 143 -17.25 0.25 40.00
CA THR A 143 -18.39 1.14 39.90
C THR A 143 -19.57 0.42 40.60
N TYR A 144 -20.33 1.17 41.40
CA TYR A 144 -21.46 0.55 42.09
C TYR A 144 -22.48 0.02 41.09
N ASP A 145 -22.66 0.74 40.00
CA ASP A 145 -23.61 0.36 38.99
C ASP A 145 -23.28 -1.01 38.35
N THR A 146 -22.01 -1.38 38.32
CA THR A 146 -21.59 -2.63 37.70
C THR A 146 -21.24 -3.76 38.67
N LEU A 147 -21.47 -3.52 39.96
CA LEU A 147 -21.17 -4.53 40.97
C LEU A 147 -21.76 -5.93 40.65
N GLU A 148 -20.99 -6.99 40.89
CA GLU A 148 -21.43 -8.38 40.63
C GLU A 148 -21.68 -8.62 39.13
N THR A 149 -21.02 -7.81 38.33
CA THR A 149 -21.12 -7.90 36.89
C THR A 149 -19.68 -8.15 36.38
N GLU A 150 -19.54 -8.52 35.10
CA GLU A 150 -18.25 -8.85 34.50
C GLU A 150 -18.29 -8.76 32.98
N GLY A 151 -17.21 -8.28 32.37
CA GLY A 151 -17.16 -8.19 30.93
C GLY A 151 -15.97 -8.91 30.30
N LEU A 152 -16.21 -9.42 29.09
CA LEU A 152 -15.20 -10.09 28.28
C LEU A 152 -15.29 -9.39 26.91
N VAL A 153 -14.17 -8.89 26.43
CA VAL A 153 -14.13 -8.23 25.13
C VAL A 153 -13.18 -9.05 24.22
N ARG A 154 -13.68 -9.52 23.10
CA ARG A 154 -12.85 -10.32 22.19
C ARG A 154 -13.11 -9.84 20.77
N ARG A 155 -12.26 -10.22 19.82
CA ARG A 155 -12.46 -9.79 18.44
C ARG A 155 -13.12 -10.88 17.63
N GLU A 156 -13.77 -10.48 16.55
CA GLU A 156 -14.47 -11.41 15.68
C GLU A 156 -14.28 -10.96 14.23
N PRO A 157 -14.21 -11.92 13.27
CA PRO A 157 -14.04 -11.44 11.90
C PRO A 157 -15.33 -10.74 11.51
N LEU A 158 -15.25 -9.80 10.59
CA LEU A 158 -16.41 -9.07 10.14
C LEU A 158 -17.24 -9.88 9.14
N GLY A 159 -16.57 -10.68 8.30
CA GLY A 159 -17.27 -11.49 7.32
C GLY A 159 -16.57 -11.45 5.96
N VAL A 160 -17.05 -10.59 5.07
CA VAL A 160 -16.45 -10.44 3.76
C VAL A 160 -15.69 -9.09 3.64
N VAL A 161 -14.39 -9.16 3.42
CA VAL A 161 -13.56 -7.97 3.27
C VAL A 161 -13.21 -7.69 1.80
N ALA A 162 -13.46 -6.47 1.33
CA ALA A 162 -13.12 -6.13 -0.04
C ALA A 162 -11.71 -5.54 -0.01
N ALA A 163 -10.80 -6.13 -0.77
CA ALA A 163 -9.43 -5.63 -0.84
C ALA A 163 -9.23 -5.00 -2.20
N ILE A 164 -9.11 -3.68 -2.24
CA ILE A 164 -8.93 -2.97 -3.49
C ILE A 164 -7.48 -2.57 -3.54
N THR A 165 -6.83 -2.98 -4.62
CA THR A 165 -5.41 -2.81 -4.79
C THR A 165 -4.96 -1.82 -5.86
N PRO A 166 -3.85 -1.12 -5.61
CA PRO A 166 -3.27 -0.13 -6.51
C PRO A 166 -2.30 -0.81 -7.51
N PHE A 167 -1.73 -0.03 -8.42
CA PHE A 167 -0.82 -0.58 -9.43
C PHE A 167 0.64 -0.72 -9.00
N ASN A 168 1.08 0.06 -8.01
CA ASN A 168 2.48 0.01 -7.64
C ASN A 168 3.02 -1.20 -6.87
N TYR A 169 2.14 -2.00 -6.27
CA TYR A 169 2.59 -3.22 -5.58
C TYR A 169 1.50 -4.24 -5.86
N PRO A 170 1.32 -4.58 -7.15
CA PRO A 170 0.30 -5.54 -7.56
C PRO A 170 0.41 -6.87 -6.84
N LEU A 171 1.63 -7.32 -6.52
CA LEU A 171 1.73 -8.60 -5.82
C LEU A 171 1.59 -8.44 -4.29
N PHE A 172 2.54 -7.73 -3.68
CA PHE A 172 2.53 -7.58 -2.24
C PHE A 172 1.20 -7.12 -1.63
N ASP A 173 0.60 -6.06 -2.18
CA ASP A 173 -0.66 -5.56 -1.63
C ASP A 173 -1.79 -6.56 -1.59
N ALA A 174 -1.88 -7.40 -2.63
CA ALA A 174 -2.92 -8.41 -2.66
C ALA A 174 -2.63 -9.44 -1.57
N VAL A 175 -1.37 -9.85 -1.49
CA VAL A 175 -0.99 -10.86 -0.50
C VAL A 175 -1.15 -10.36 0.93
N ASN A 176 -0.73 -9.12 1.16
CA ASN A 176 -0.82 -8.48 2.49
C ASN A 176 -2.29 -8.40 2.95
N LYS A 177 -3.12 -7.79 2.11
CA LYS A 177 -4.53 -7.62 2.45
C LYS A 177 -5.24 -8.96 2.60
N ILE A 178 -4.89 -9.93 1.77
CA ILE A 178 -5.52 -11.23 1.89
C ILE A 178 -5.04 -11.87 3.19
N THR A 179 -3.75 -11.74 3.45
CA THR A 179 -3.20 -12.33 4.65
C THR A 179 -3.86 -11.81 5.93
N TYR A 180 -3.84 -10.50 6.15
CA TYR A 180 -4.42 -10.05 7.41
C TYR A 180 -5.92 -10.21 7.50
N SER A 181 -6.62 -10.22 6.37
CA SER A 181 -8.06 -10.43 6.41
C SER A 181 -8.37 -11.89 6.73
N PHE A 182 -7.68 -12.82 6.05
CA PHE A 182 -7.92 -14.25 6.24
C PHE A 182 -7.45 -14.80 7.58
N ILE A 183 -6.32 -14.32 8.09
CA ILE A 183 -5.81 -14.85 9.34
C ILE A 183 -6.83 -14.76 10.49
N TYR A 184 -7.70 -13.75 10.47
CA TYR A 184 -8.69 -13.58 11.53
C TYR A 184 -10.05 -14.26 11.25
N GLY A 185 -10.17 -14.90 10.09
CA GLY A 185 -11.39 -15.60 9.76
C GLY A 185 -12.34 -15.00 8.75
N ASN A 186 -11.90 -13.98 8.02
CA ASN A 186 -12.75 -13.35 7.00
C ASN A 186 -12.57 -14.02 5.63
N ALA A 187 -13.53 -13.82 4.75
CA ALA A 187 -13.47 -14.28 3.36
C ALA A 187 -13.03 -12.97 2.70
N VAL A 188 -12.45 -13.03 1.50
CA VAL A 188 -11.93 -11.84 0.83
C VAL A 188 -12.25 -11.73 -0.66
N VAL A 189 -12.56 -10.51 -1.11
CA VAL A 189 -12.81 -10.23 -2.52
C VAL A 189 -11.67 -9.32 -2.92
N VAL A 190 -10.78 -9.79 -3.77
CA VAL A 190 -9.67 -8.96 -4.22
C VAL A 190 -10.05 -8.30 -5.54
N LYS A 191 -9.78 -7.00 -5.65
CA LYS A 191 -10.07 -6.24 -6.86
C LYS A 191 -8.77 -5.51 -7.16
N PRO A 192 -7.90 -6.13 -7.99
CA PRO A 192 -6.63 -5.51 -8.34
C PRO A 192 -6.81 -4.44 -9.39
N SER A 193 -5.78 -3.60 -9.52
CA SER A 193 -5.76 -2.54 -10.51
C SER A 193 -5.83 -3.25 -11.87
N ILE A 194 -6.70 -2.78 -12.74
CA ILE A 194 -6.85 -3.40 -14.05
C ILE A 194 -5.62 -3.09 -14.90
N SER A 195 -4.73 -2.28 -14.36
CA SER A 195 -3.50 -1.89 -15.04
C SER A 195 -2.48 -3.03 -15.01
N ASP A 196 -2.48 -3.80 -13.92
CA ASP A 196 -1.56 -4.92 -13.77
C ASP A 196 -2.12 -5.94 -12.77
N PRO A 197 -3.21 -6.63 -13.16
CA PRO A 197 -3.92 -7.64 -12.36
C PRO A 197 -3.34 -9.04 -12.36
N LEU A 198 -2.34 -9.28 -13.20
CA LEU A 198 -1.74 -10.59 -13.34
C LEU A 198 -1.03 -11.12 -12.07
N PRO A 199 -0.22 -10.30 -11.40
CA PRO A 199 0.43 -10.83 -10.19
C PRO A 199 -0.60 -11.31 -9.14
N ALA A 200 -1.73 -10.63 -9.06
CA ALA A 200 -2.79 -10.99 -8.09
C ALA A 200 -3.34 -12.37 -8.45
N ALA A 201 -3.56 -12.58 -9.75
CA ALA A 201 -4.07 -13.85 -10.26
C ALA A 201 -3.09 -14.96 -9.85
N MET A 202 -1.80 -14.72 -10.02
CA MET A 202 -0.81 -15.71 -9.64
C MET A 202 -0.83 -15.96 -8.14
N ALA A 203 -1.05 -14.90 -7.36
CA ALA A 203 -1.07 -15.05 -5.89
C ALA A 203 -2.27 -15.87 -5.46
N VAL A 204 -3.44 -15.50 -5.96
CA VAL A 204 -4.67 -16.23 -5.61
C VAL A 204 -4.53 -17.73 -5.92
N LYS A 205 -4.10 -18.06 -7.15
CA LYS A 205 -3.91 -19.46 -7.53
C LYS A 205 -2.97 -20.15 -6.54
N ALA A 206 -1.87 -19.49 -6.17
CA ALA A 206 -0.96 -20.11 -5.22
C ALA A 206 -1.68 -20.40 -3.88
N LEU A 207 -2.54 -19.47 -3.46
CA LEU A 207 -3.26 -19.66 -2.19
C LEU A 207 -4.23 -20.82 -2.32
N LEU A 208 -4.95 -20.88 -3.43
CA LEU A 208 -5.88 -21.98 -3.69
C LEU A 208 -5.12 -23.33 -3.70
N ASP A 209 -3.99 -23.37 -4.38
CA ASP A 209 -3.20 -24.61 -4.41
C ASP A 209 -2.80 -24.98 -2.99
N ALA A 210 -2.56 -23.96 -2.16
CA ALA A 210 -2.15 -24.22 -0.78
C ALA A 210 -3.29 -24.69 0.12
N GLY A 211 -4.53 -24.59 -0.36
CA GLY A 211 -5.66 -25.05 0.43
C GLY A 211 -6.62 -23.98 0.94
N PHE A 212 -6.44 -22.75 0.49
CA PHE A 212 -7.32 -21.66 0.90
C PHE A 212 -8.76 -22.05 0.57
N PRO A 213 -9.68 -21.97 1.55
CA PRO A 213 -11.09 -22.30 1.32
C PRO A 213 -11.51 -21.73 -0.01
N PRO A 214 -11.79 -22.60 -1.01
CA PRO A 214 -12.20 -22.20 -2.36
C PRO A 214 -13.39 -21.30 -2.52
N ASP A 215 -14.30 -21.30 -1.56
CA ASP A 215 -15.46 -20.43 -1.66
C ASP A 215 -15.26 -19.17 -0.77
N ALA A 216 -14.08 -19.04 -0.17
CA ALA A 216 -13.79 -17.89 0.71
C ALA A 216 -12.92 -16.80 0.07
N ILE A 217 -12.65 -16.90 -1.24
CA ILE A 217 -11.86 -15.89 -1.91
C ILE A 217 -12.37 -15.68 -3.32
N ALA A 218 -12.22 -14.46 -3.84
CA ALA A 218 -12.65 -14.12 -5.18
C ALA A 218 -11.66 -13.12 -5.73
N LEU A 219 -11.53 -13.06 -7.05
CA LEU A 219 -10.62 -12.15 -7.70
C LEU A 219 -11.40 -11.65 -8.90
N LEU A 220 -11.88 -10.42 -8.82
CA LEU A 220 -12.68 -9.84 -9.88
C LEU A 220 -11.91 -8.76 -10.62
N ASN A 221 -11.71 -8.98 -11.92
CA ASN A 221 -10.99 -8.03 -12.76
C ASN A 221 -11.95 -6.97 -13.28
N LEU A 222 -12.47 -6.17 -12.35
CA LEU A 222 -13.40 -5.12 -12.69
C LEU A 222 -12.65 -3.81 -12.88
N PRO A 223 -13.01 -3.04 -13.90
CA PRO A 223 -12.32 -1.78 -14.12
C PRO A 223 -12.95 -0.65 -13.33
N GLY A 224 -12.11 0.22 -12.79
CA GLY A 224 -12.54 1.38 -12.02
C GLY A 224 -13.91 1.41 -11.36
N LYS A 225 -14.83 2.18 -11.93
CA LYS A 225 -16.17 2.34 -11.35
C LYS A 225 -17.05 1.09 -11.35
N GLU A 226 -16.61 0.03 -12.02
CA GLU A 226 -17.34 -1.22 -12.03
C GLU A 226 -17.22 -1.86 -10.66
N ALA A 227 -16.11 -1.59 -9.98
CA ALA A 227 -15.86 -2.13 -8.65
C ALA A 227 -16.78 -1.51 -7.58
N GLU A 228 -17.45 -0.42 -7.93
CA GLU A 228 -18.36 0.24 -7.00
C GLU A 228 -19.48 -0.69 -6.56
N LYS A 229 -19.87 -1.62 -7.43
CA LYS A 229 -20.92 -2.57 -7.08
C LYS A 229 -20.49 -3.37 -5.85
N ILE A 230 -19.21 -3.66 -5.75
CA ILE A 230 -18.68 -4.44 -4.63
C ILE A 230 -18.63 -3.61 -3.35
N VAL A 231 -18.05 -2.43 -3.45
CA VAL A 231 -17.93 -1.54 -2.32
C VAL A 231 -19.29 -1.20 -1.69
N ALA A 232 -20.28 -0.87 -2.52
CA ALA A 232 -21.59 -0.48 -2.03
C ALA A 232 -22.49 -1.61 -1.53
N ASP A 233 -22.05 -2.85 -1.72
CA ASP A 233 -22.87 -3.97 -1.32
C ASP A 233 -22.85 -4.24 0.19
N ASP A 234 -24.02 -4.52 0.75
CA ASP A 234 -24.13 -4.75 2.18
C ASP A 234 -23.49 -6.04 2.69
N ARG A 235 -23.07 -6.94 1.80
CA ARG A 235 -22.43 -8.17 2.28
C ARG A 235 -20.94 -7.92 2.45
N VAL A 236 -20.49 -6.75 2.03
CA VAL A 236 -19.09 -6.38 2.19
C VAL A 236 -19.01 -5.53 3.47
N ALA A 237 -18.44 -6.13 4.51
CA ALA A 237 -18.36 -5.48 5.80
C ALA A 237 -17.19 -4.56 6.00
N ALA A 238 -16.21 -4.64 5.11
CA ALA A 238 -15.02 -3.81 5.28
C ALA A 238 -14.35 -3.64 3.96
N VAL A 239 -13.63 -2.54 3.82
CA VAL A 239 -12.93 -2.26 2.59
C VAL A 239 -11.54 -1.80 2.95
N SER A 240 -10.54 -2.53 2.46
CA SER A 240 -9.12 -2.21 2.68
C SER A 240 -8.67 -1.69 1.32
N PHE A 241 -8.43 -0.38 1.26
CA PHE A 241 -8.07 0.32 0.05
C PHE A 241 -6.73 1.04 0.13
N THR A 242 -5.94 0.88 -0.92
CA THR A 242 -4.68 1.58 -1.05
C THR A 242 -4.83 2.11 -2.46
N GLY A 243 -4.82 3.43 -2.57
CA GLY A 243 -4.98 4.11 -3.85
C GLY A 243 -4.82 5.61 -3.67
N SER A 244 -5.34 6.39 -4.62
CA SER A 244 -5.24 7.83 -4.57
C SER A 244 -6.32 8.44 -3.66
N THR A 245 -6.02 9.63 -3.16
CA THR A 245 -6.94 10.35 -2.29
C THR A 245 -8.32 10.48 -2.92
N GLU A 246 -8.34 10.85 -4.20
CA GLU A 246 -9.60 11.04 -4.90
C GLU A 246 -10.46 9.78 -5.04
N VAL A 247 -9.85 8.65 -5.38
CA VAL A 247 -10.66 7.43 -5.50
C VAL A 247 -11.08 6.96 -4.10
N GLY A 248 -10.19 7.11 -3.13
CA GLY A 248 -10.54 6.74 -1.76
C GLY A 248 -11.81 7.46 -1.33
N GLU A 249 -11.86 8.77 -1.59
CA GLU A 249 -13.04 9.56 -1.22
C GLU A 249 -14.28 8.96 -1.87
N ARG A 250 -14.18 8.66 -3.15
CA ARG A 250 -15.30 8.07 -3.87
C ARG A 250 -15.71 6.73 -3.24
N VAL A 251 -14.71 5.94 -2.85
CA VAL A 251 -14.99 4.63 -2.25
C VAL A 251 -15.85 4.76 -0.97
N VAL A 252 -15.47 5.67 -0.08
CA VAL A 252 -16.26 5.82 1.15
C VAL A 252 -17.64 6.35 0.84
N LYS A 253 -17.74 7.28 -0.11
CA LYS A 253 -19.05 7.85 -0.46
C LYS A 253 -20.01 6.87 -1.09
N VAL A 254 -19.47 5.82 -1.67
CA VAL A 254 -20.28 4.79 -2.30
C VAL A 254 -20.59 3.71 -1.27
N GLY A 255 -19.58 3.37 -0.47
CA GLY A 255 -19.76 2.33 0.54
C GLY A 255 -20.62 2.71 1.73
N GLY A 256 -20.59 3.98 2.14
CA GLY A 256 -21.37 4.38 3.31
C GLY A 256 -20.75 3.81 4.57
N VAL A 257 -21.58 3.49 5.57
CA VAL A 257 -21.10 2.95 6.85
C VAL A 257 -20.53 1.53 6.75
N LYS A 258 -19.25 1.38 7.10
CA LYS A 258 -18.51 0.09 7.07
C LYS A 258 -17.16 0.40 7.70
N GLN A 259 -16.34 -0.63 7.97
CA GLN A 259 -15.00 -0.37 8.51
C GLN A 259 -14.10 -0.11 7.29
N TYR A 260 -13.16 0.80 7.43
CA TYR A 260 -12.25 1.12 6.35
C TYR A 260 -10.81 1.28 6.81
N VAL A 261 -9.88 1.02 5.89
CA VAL A 261 -8.46 1.28 6.10
C VAL A 261 -8.17 1.93 4.76
N MET A 262 -7.79 3.20 4.77
CA MET A 262 -7.49 3.91 3.54
C MET A 262 -6.05 4.40 3.61
N GLU A 263 -5.19 3.80 2.79
CA GLU A 263 -3.79 4.20 2.69
C GLU A 263 -3.84 5.00 1.39
N LEU A 264 -3.88 6.33 1.52
CA LEU A 264 -3.99 7.21 0.36
C LEU A 264 -2.74 7.92 -0.10
N GLY A 265 -1.59 7.46 0.39
CA GLY A 265 -0.34 8.04 -0.04
C GLY A 265 -0.15 9.56 -0.01
N GLY A 266 0.33 10.11 -1.13
CA GLY A 266 0.65 11.53 -1.18
C GLY A 266 2.14 11.43 -0.98
N GLY A 267 2.89 12.51 -1.00
CA GLY A 267 4.31 12.25 -0.80
C GLY A 267 4.76 12.32 0.63
N ASP A 268 6.08 12.37 0.82
CA ASP A 268 6.68 12.49 2.13
C ASP A 268 7.77 13.55 2.10
N PRO A 269 7.88 14.36 3.16
CA PRO A 269 8.92 15.38 3.18
C PRO A 269 10.06 14.79 3.99
N ALA A 270 11.28 15.21 3.71
CA ALA A 270 12.43 14.74 4.48
C ALA A 270 13.12 16.01 5.01
N ILE A 271 13.48 16.02 6.29
CA ILE A 271 14.10 17.17 6.91
C ILE A 271 15.52 16.87 7.33
N VAL A 272 16.45 17.74 6.95
CA VAL A 272 17.85 17.52 7.34
C VAL A 272 18.36 18.60 8.27
N LEU A 273 18.71 18.21 9.49
CA LEU A 273 19.23 19.15 10.49
C LEU A 273 20.74 19.33 10.33
N GLU A 274 21.25 20.45 10.84
CA GLU A 274 22.67 20.77 10.76
C GLU A 274 23.62 19.72 11.35
N ASP A 275 23.10 18.82 12.19
CA ASP A 275 23.99 17.82 12.75
C ASP A 275 23.77 16.42 12.17
N ALA A 276 23.12 16.37 11.02
CA ALA A 276 22.86 15.08 10.37
C ALA A 276 24.11 14.52 9.69
N ASP A 277 24.13 13.20 9.51
CA ASP A 277 25.23 12.56 8.80
C ASP A 277 24.79 12.86 7.37
N LEU A 278 25.45 13.80 6.70
CA LEU A 278 25.06 14.16 5.34
C LEU A 278 25.24 13.07 4.29
N ASP A 279 26.21 12.17 4.49
CA ASP A 279 26.40 11.11 3.51
C ASP A 279 25.19 10.18 3.59
N LEU A 280 24.84 9.77 4.81
CA LEU A 280 23.67 8.91 5.02
C LEU A 280 22.41 9.60 4.47
N ALA A 281 22.24 10.86 4.84
CA ALA A 281 21.07 11.62 4.42
C ALA A 281 20.94 11.69 2.91
N ALA A 282 22.02 12.09 2.24
CA ALA A 282 22.00 12.23 0.79
C ALA A 282 21.65 10.89 0.14
N ASP A 283 22.30 9.84 0.62
CA ASP A 283 22.09 8.49 0.10
C ASP A 283 20.63 8.06 0.28
N LYS A 284 20.15 8.10 1.53
CA LYS A 284 18.77 7.72 1.81
C LYS A 284 17.75 8.60 1.08
N ILE A 285 17.97 9.92 1.05
CA ILE A 285 17.00 10.79 0.40
C ILE A 285 16.95 10.55 -1.12
N ALA A 286 18.11 10.38 -1.74
CA ALA A 286 18.13 10.10 -3.18
C ALA A 286 17.29 8.84 -3.45
N ARG A 287 17.54 7.76 -2.71
CA ARG A 287 16.78 6.54 -2.91
C ARG A 287 15.29 6.80 -2.71
N GLY A 288 14.94 7.54 -1.65
CA GLY A 288 13.53 7.86 -1.42
C GLY A 288 12.91 8.62 -2.59
N ILE A 289 13.72 9.46 -3.24
CA ILE A 289 13.22 10.22 -4.37
C ILE A 289 12.98 9.36 -5.62
N TYR A 290 13.90 8.47 -5.96
CA TYR A 290 13.73 7.71 -7.20
C TYR A 290 13.23 6.27 -7.19
N SER A 291 13.28 5.56 -6.05
CA SER A 291 12.83 4.16 -6.05
C SER A 291 11.54 3.93 -6.80
N TYR A 292 11.62 2.95 -7.70
CA TYR A 292 10.53 2.55 -8.58
C TYR A 292 9.99 3.80 -9.29
N ALA A 293 10.92 4.70 -9.64
CA ALA A 293 10.57 5.91 -10.36
C ALA A 293 9.56 6.74 -9.55
N GLY A 294 9.85 6.87 -8.25
CA GLY A 294 8.97 7.63 -7.37
C GLY A 294 7.54 7.14 -7.26
N GLN A 295 7.21 5.97 -7.79
CA GLN A 295 5.83 5.48 -7.73
C GLN A 295 5.54 4.71 -6.43
N ARG A 296 5.87 5.36 -5.32
CA ARG A 296 5.66 4.81 -3.99
C ARG A 296 4.87 5.82 -3.12
N CYS A 297 3.84 5.32 -2.45
CA CYS A 297 3.02 6.15 -1.58
C CYS A 297 3.91 7.01 -0.69
N ASP A 298 5.05 6.44 -0.26
CA ASP A 298 5.98 7.17 0.59
C ASP A 298 7.24 7.73 -0.09
N ALA A 299 7.15 8.04 -1.38
CA ALA A 299 8.28 8.62 -2.12
C ALA A 299 8.58 10.01 -1.57
N ILE A 300 9.85 10.33 -1.37
CA ILE A 300 10.24 11.65 -0.88
C ILE A 300 9.96 12.67 -1.99
N LYS A 301 9.23 13.74 -1.65
CA LYS A 301 8.84 14.75 -2.63
C LYS A 301 9.32 16.14 -2.27
N LEU A 302 9.88 16.28 -1.09
CA LEU A 302 10.31 17.58 -0.61
C LEU A 302 11.45 17.39 0.35
N VAL A 303 12.52 18.14 0.14
CA VAL A 303 13.69 18.07 1.00
C VAL A 303 13.88 19.42 1.65
N LEU A 304 13.98 19.45 2.97
CA LEU A 304 14.16 20.70 3.69
C LEU A 304 15.43 20.55 4.49
N ALA A 305 16.40 21.43 4.25
CA ALA A 305 17.65 21.34 4.98
C ALA A 305 18.07 22.70 5.53
N GLU A 306 18.51 22.71 6.78
CA GLU A 306 18.95 23.92 7.47
C GLU A 306 20.15 24.54 6.76
N ARG A 307 20.18 25.87 6.74
CA ARG A 307 21.22 26.69 6.09
C ARG A 307 22.61 26.08 5.96
N PRO A 308 23.26 25.81 7.10
CA PRO A 308 24.61 25.26 7.12
C PRO A 308 24.93 23.91 6.47
N VAL A 309 23.92 23.22 5.93
CA VAL A 309 24.18 21.94 5.28
C VAL A 309 23.40 21.84 3.97
N TYR A 310 22.52 22.81 3.75
CA TYR A 310 21.70 22.79 2.54
C TYR A 310 22.53 22.63 1.28
N GLY A 311 23.65 23.34 1.23
CA GLY A 311 24.53 23.26 0.06
C GLY A 311 25.03 21.86 -0.21
N LYS A 312 25.82 21.32 0.73
CA LYS A 312 26.38 19.98 0.61
C LYS A 312 25.29 18.95 0.31
N LEU A 313 24.28 18.91 1.17
CA LEU A 313 23.17 17.98 1.03
C LEU A 313 22.61 17.96 -0.37
N VAL A 314 22.08 19.10 -0.80
CA VAL A 314 21.47 19.22 -2.12
C VAL A 314 22.43 18.82 -3.25
N GLU A 315 23.70 19.17 -3.06
CA GLU A 315 24.76 18.87 -4.02
C GLU A 315 24.86 17.35 -4.19
N GLU A 316 25.09 16.64 -3.09
CA GLU A 316 25.20 15.19 -3.06
C GLU A 316 24.00 14.46 -3.65
N VAL A 317 22.81 14.84 -3.22
CA VAL A 317 21.59 14.20 -3.72
C VAL A 317 21.51 14.36 -5.23
N ALA A 318 21.91 15.53 -5.72
CA ALA A 318 21.87 15.80 -7.15
C ALA A 318 22.92 14.95 -7.88
N LYS A 319 24.11 14.87 -7.30
CA LYS A 319 25.17 14.06 -7.91
C LYS A 319 24.63 12.65 -8.03
N ARG A 320 24.11 12.13 -6.92
CA ARG A 320 23.55 10.78 -6.90
C ARG A 320 22.40 10.59 -7.87
N LEU A 321 21.52 11.57 -7.97
CA LEU A 321 20.40 11.43 -8.87
C LEU A 321 20.81 11.42 -10.34
N SER A 322 21.67 12.35 -10.73
CA SER A 322 22.08 12.44 -12.12
C SER A 322 22.93 11.25 -12.58
N SER A 323 23.66 10.62 -11.64
CA SER A 323 24.47 9.47 -12.00
C SER A 323 23.65 8.18 -12.01
N LEU A 324 22.37 8.30 -12.32
CA LEU A 324 21.47 7.14 -12.35
C LEU A 324 21.22 6.63 -13.75
N ARG A 325 21.38 5.33 -13.94
CA ARG A 325 21.15 4.70 -15.23
C ARG A 325 19.66 4.41 -15.44
N VAL A 326 19.06 5.04 -16.45
CA VAL A 326 17.64 4.85 -16.77
C VAL A 326 17.50 3.96 -18.01
N GLY A 327 16.52 3.05 -18.00
CA GLY A 327 16.32 2.18 -19.15
C GLY A 327 15.32 1.04 -18.95
N ASP A 328 15.62 -0.13 -19.51
CA ASP A 328 14.74 -1.29 -19.39
C ASP A 328 15.00 -1.94 -18.03
N PRO A 329 13.92 -2.12 -17.25
CA PRO A 329 13.96 -2.72 -15.91
C PRO A 329 14.77 -4.02 -15.75
N ARG A 330 14.92 -4.76 -16.84
CA ARG A 330 15.63 -6.03 -16.83
C ARG A 330 17.16 -5.94 -16.54
N ASP A 331 17.86 -4.97 -17.13
CA ASP A 331 19.30 -4.84 -16.90
C ASP A 331 19.54 -4.65 -15.42
N PRO A 332 20.11 -5.64 -14.73
CA PRO A 332 20.35 -5.46 -13.30
C PRO A 332 21.16 -4.19 -13.06
N THR A 333 21.57 -3.58 -14.18
CA THR A 333 22.34 -2.34 -14.17
C THR A 333 21.41 -1.13 -14.05
N VAL A 334 20.28 -1.17 -14.78
CA VAL A 334 19.28 -0.10 -14.72
C VAL A 334 18.74 0.11 -13.30
N ASP A 335 18.61 1.38 -12.90
CA ASP A 335 18.11 1.73 -11.57
C ASP A 335 16.66 2.17 -11.66
N VAL A 336 16.34 2.92 -12.71
CA VAL A 336 15.01 3.46 -12.91
C VAL A 336 14.40 2.96 -14.20
N GLY A 337 13.25 2.31 -14.09
CA GLY A 337 12.56 1.82 -15.27
C GLY A 337 11.55 2.86 -15.69
N PRO A 338 10.48 2.47 -16.39
CA PRO A 338 9.47 3.42 -16.84
C PRO A 338 8.37 3.70 -15.81
N LEU A 339 7.56 4.72 -16.10
CA LEU A 339 6.43 5.13 -15.28
C LEU A 339 5.25 4.33 -15.85
N ILE A 340 4.20 4.16 -15.09
CA ILE A 340 3.08 3.34 -15.54
C ILE A 340 2.34 3.78 -16.80
N SER A 341 2.50 5.02 -17.22
CA SER A 341 1.77 5.47 -18.41
C SER A 341 2.32 6.77 -18.97
N PRO A 342 2.17 6.99 -20.28
CA PRO A 342 2.68 8.24 -20.84
C PRO A 342 2.04 9.41 -20.08
N SER A 343 0.75 9.25 -19.77
CA SER A 343 -0.03 10.23 -19.03
C SER A 343 0.68 10.71 -17.74
N ALA A 344 1.26 9.77 -16.99
CA ALA A 344 1.95 10.15 -15.76
C ALA A 344 3.15 11.02 -16.06
N VAL A 345 3.92 10.67 -17.08
CA VAL A 345 5.09 11.47 -17.41
C VAL A 345 4.67 12.89 -17.84
N ASP A 346 3.56 13.01 -18.57
CA ASP A 346 3.10 14.32 -18.98
C ASP A 346 2.98 15.21 -17.75
N GLU A 347 2.25 14.72 -16.75
CA GLU A 347 2.04 15.46 -15.52
C GLU A 347 3.32 15.86 -14.82
N MET A 348 4.30 14.96 -14.82
CA MET A 348 5.56 15.29 -14.19
C MET A 348 6.21 16.48 -14.89
N MET A 349 6.22 16.45 -16.21
CA MET A 349 6.84 17.53 -17.01
C MET A 349 6.12 18.86 -16.80
N ALA A 350 4.80 18.85 -16.91
CA ALA A 350 4.01 20.06 -16.71
C ALA A 350 4.23 20.61 -15.31
N ALA A 351 4.52 19.72 -14.37
CA ALA A 351 4.75 20.11 -12.99
C ALA A 351 6.11 20.72 -12.79
N ILE A 352 7.07 20.30 -13.62
CA ILE A 352 8.41 20.85 -13.49
C ILE A 352 8.49 22.24 -14.10
N GLU A 353 7.76 22.45 -15.18
CA GLU A 353 7.77 23.76 -15.81
C GLU A 353 7.15 24.73 -14.81
N ASP A 354 6.03 24.31 -14.21
CA ASP A 354 5.35 25.13 -13.23
C ASP A 354 6.29 25.60 -12.13
N ALA A 355 7.11 24.69 -11.61
CA ALA A 355 8.05 25.04 -10.56
C ALA A 355 9.08 26.06 -11.05
N VAL A 356 9.52 25.88 -12.30
CA VAL A 356 10.51 26.78 -12.89
C VAL A 356 9.88 28.15 -13.11
N GLU A 357 8.67 28.14 -13.66
CA GLU A 357 7.94 29.38 -13.90
C GLU A 357 7.75 30.17 -12.61
N LYS A 358 7.67 29.47 -11.48
CA LYS A 358 7.49 30.15 -10.21
C LYS A 358 8.79 30.36 -9.44
N GLY A 359 9.89 30.38 -10.18
CA GLY A 359 11.18 30.62 -9.55
C GLY A 359 12.04 29.41 -9.26
N GLY A 360 11.54 28.23 -9.65
CA GLY A 360 12.29 27.01 -9.40
C GLY A 360 13.42 26.75 -10.38
N ARG A 361 14.47 26.08 -9.89
CA ARG A 361 15.64 25.75 -10.70
C ARG A 361 15.96 24.25 -10.62
N VAL A 362 15.99 23.59 -11.77
CA VAL A 362 16.31 22.17 -11.84
C VAL A 362 17.77 21.93 -11.48
N LEU A 363 18.01 21.05 -10.51
CA LEU A 363 19.37 20.72 -10.06
C LEU A 363 19.85 19.38 -10.62
N ALA A 364 18.92 18.59 -11.15
CA ALA A 364 19.25 17.29 -11.69
C ALA A 364 18.07 16.77 -12.49
N GLY A 365 18.37 16.01 -13.54
CA GLY A 365 17.30 15.47 -14.37
C GLY A 365 16.59 16.57 -15.13
N GLY A 366 15.30 16.37 -15.35
CA GLY A 366 14.50 17.36 -16.06
C GLY A 366 14.15 16.90 -17.46
N ARG A 367 15.00 16.07 -18.04
CA ARG A 367 14.78 15.59 -19.40
C ARG A 367 13.86 14.39 -19.51
N ARG A 368 12.89 14.47 -20.42
CA ARG A 368 12.00 13.34 -20.66
C ARG A 368 12.79 12.41 -21.60
N LEU A 369 12.51 11.11 -21.56
CA LEU A 369 13.26 10.19 -22.42
C LEU A 369 12.40 9.33 -23.33
N GLY A 370 11.08 9.44 -23.21
CA GLY A 370 10.20 8.65 -24.05
C GLY A 370 8.78 8.75 -23.52
N PRO A 371 7.79 8.19 -24.24
CA PRO A 371 6.42 8.29 -23.74
C PRO A 371 6.24 7.86 -22.26
N THR A 372 7.06 6.93 -21.79
CA THR A 372 6.94 6.51 -20.39
C THR A 372 8.28 6.53 -19.66
N TYR A 373 9.25 7.27 -20.19
CA TYR A 373 10.56 7.35 -19.54
C TYR A 373 10.98 8.77 -19.19
N VAL A 374 11.58 8.96 -18.01
CA VAL A 374 12.03 10.28 -17.58
C VAL A 374 13.21 10.19 -16.64
N GLN A 375 13.99 11.27 -16.54
CA GLN A 375 15.11 11.26 -15.61
C GLN A 375 14.58 11.69 -14.24
N PRO A 376 15.04 11.05 -13.14
CA PRO A 376 14.56 11.47 -11.82
C PRO A 376 14.98 12.93 -11.61
N THR A 377 14.03 13.80 -11.28
CA THR A 377 14.32 15.23 -11.12
C THR A 377 14.36 15.86 -9.71
N PHE A 378 15.31 16.78 -9.52
CA PHE A 378 15.46 17.49 -8.26
C PHE A 378 15.42 19.00 -8.52
N VAL A 379 14.34 19.66 -8.10
CA VAL A 379 14.15 21.09 -8.31
C VAL A 379 14.36 21.98 -7.09
N GLU A 380 15.31 22.91 -7.18
CA GLU A 380 15.58 23.84 -6.08
C GLU A 380 14.46 24.87 -6.06
N ALA A 381 14.11 25.37 -4.88
CA ALA A 381 13.06 26.37 -4.78
C ALA A 381 13.14 27.21 -3.51
N PRO A 382 12.85 28.51 -3.63
CA PRO A 382 12.88 29.42 -2.49
C PRO A 382 11.63 29.19 -1.62
N ALA A 383 11.83 29.15 -0.31
CA ALA A 383 10.70 28.92 0.60
C ALA A 383 9.54 29.88 0.35
N ASP A 384 9.83 31.13 0.01
CA ASP A 384 8.79 32.11 -0.21
C ASP A 384 7.97 31.94 -1.49
N ARG A 385 8.20 30.85 -2.23
CA ARG A 385 7.43 30.62 -3.45
C ARG A 385 7.06 29.16 -3.68
N VAL A 386 7.65 28.26 -2.91
CA VAL A 386 7.38 26.84 -3.07
C VAL A 386 5.93 26.43 -2.82
N LYS A 387 5.30 27.01 -1.81
CA LYS A 387 3.94 26.64 -1.48
C LYS A 387 2.89 26.80 -2.57
N ASP A 388 3.19 27.55 -3.62
CA ASP A 388 2.20 27.70 -4.68
C ASP A 388 2.53 26.83 -5.89
N MET A 389 3.63 26.08 -5.79
CA MET A 389 4.06 25.20 -6.88
C MET A 389 3.31 23.87 -6.84
N VAL A 390 2.91 23.39 -8.00
CA VAL A 390 2.20 22.13 -8.14
C VAL A 390 2.93 20.99 -7.44
N LEU A 391 4.26 20.94 -7.58
CA LEU A 391 5.04 19.88 -6.97
C LEU A 391 4.85 19.84 -5.46
N TYR A 392 4.49 20.99 -4.88
CA TYR A 392 4.29 21.10 -3.44
C TYR A 392 2.85 20.80 -3.07
N LYS A 393 1.94 21.53 -3.70
CA LYS A 393 0.50 21.42 -3.44
C LYS A 393 -0.10 20.08 -3.79
N ARG A 394 0.49 19.41 -4.78
CA ARG A 394 -0.04 18.11 -5.20
C ARG A 394 0.98 17.00 -5.19
N GLU A 395 0.50 15.78 -5.36
CA GLU A 395 1.40 14.65 -5.42
C GLU A 395 1.56 14.31 -6.90
N VAL A 396 2.76 14.49 -7.41
CA VAL A 396 3.06 14.18 -8.80
C VAL A 396 3.69 12.79 -8.70
N PHE A 397 2.90 11.77 -9.00
CA PHE A 397 3.38 10.40 -8.90
C PHE A 397 4.44 10.14 -9.96
N ALA A 398 5.69 10.40 -9.58
CA ALA A 398 6.83 10.28 -10.47
C ALA A 398 8.07 10.57 -9.64
N PRO A 399 9.27 10.37 -10.22
CA PRO A 399 10.53 10.61 -9.51
C PRO A 399 10.94 12.08 -9.53
N VAL A 400 10.26 12.90 -8.74
CA VAL A 400 10.57 14.32 -8.70
C VAL A 400 10.38 14.90 -7.30
N ALA A 401 11.34 15.70 -6.85
CA ALA A 401 11.23 16.30 -5.54
C ALA A 401 11.75 17.74 -5.52
N LEU A 402 11.24 18.52 -4.57
CA LEU A 402 11.63 19.91 -4.40
C LEU A 402 12.69 19.97 -3.32
N ALA A 403 13.59 20.95 -3.44
CA ALA A 403 14.62 21.15 -2.41
C ALA A 403 14.39 22.59 -1.93
N VAL A 404 14.40 22.79 -0.62
CA VAL A 404 14.16 24.11 -0.05
C VAL A 404 15.04 24.38 1.15
N GLU A 405 15.78 25.47 1.11
CA GLU A 405 16.66 25.84 2.21
C GLU A 405 15.79 26.48 3.30
N VAL A 406 16.09 26.22 4.57
CA VAL A 406 15.31 26.79 5.66
C VAL A 406 16.21 27.27 6.78
N LYS A 407 15.74 28.24 7.55
CA LYS A 407 16.54 28.80 8.64
C LYS A 407 16.67 27.89 9.84
N ASP A 408 15.57 27.23 10.21
CA ASP A 408 15.58 26.34 11.38
C ASP A 408 14.51 25.24 11.34
N LEU A 409 14.48 24.43 12.40
CA LEU A 409 13.52 23.33 12.50
C LEU A 409 12.06 23.78 12.36
N ASP A 410 11.68 24.84 13.09
CA ASP A 410 10.31 25.32 13.02
C ASP A 410 9.89 25.63 11.60
N GLN A 411 10.78 26.19 10.80
CA GLN A 411 10.41 26.48 9.41
C GLN A 411 10.28 25.16 8.63
N ALA A 412 11.21 24.23 8.88
CA ALA A 412 11.15 22.93 8.21
C ALA A 412 9.79 22.29 8.52
N ILE A 413 9.49 22.14 9.81
CA ILE A 413 8.23 21.56 10.26
C ILE A 413 7.03 22.26 9.62
N GLU A 414 7.07 23.59 9.62
CA GLU A 414 5.99 24.38 9.05
C GLU A 414 5.81 24.05 7.57
N LEU A 415 6.91 24.08 6.82
CA LEU A 415 6.82 23.77 5.39
C LEU A 415 6.39 22.32 5.19
N ALA A 416 6.92 21.42 6.02
CA ALA A 416 6.54 20.02 5.89
C ALA A 416 5.04 19.86 6.12
N ASN A 417 4.50 20.49 7.16
CA ASN A 417 3.07 20.37 7.43
C ASN A 417 2.19 21.12 6.45
N GLY A 418 2.80 21.97 5.63
CA GLY A 418 2.05 22.74 4.66
C GLY A 418 1.46 21.98 3.49
N ARG A 419 1.90 20.75 3.27
CA ARG A 419 1.34 19.97 2.16
C ARG A 419 0.01 19.41 2.68
N PRO A 420 -0.92 19.04 1.79
CA PRO A 420 -2.20 18.49 2.23
C PRO A 420 -2.12 17.03 2.72
N TYR A 421 -0.96 16.41 2.54
CA TYR A 421 -0.77 15.01 2.91
C TYR A 421 -0.10 14.83 4.26
N GLY A 422 -0.18 13.61 4.79
CA GLY A 422 0.45 13.32 6.07
C GLY A 422 0.69 11.83 6.29
N LEU A 423 1.47 11.22 5.40
CA LEU A 423 1.76 9.78 5.49
C LEU A 423 2.95 9.55 6.41
N ASP A 424 4.15 9.84 5.93
CA ASP A 424 5.34 9.72 6.78
C ASP A 424 6.15 10.98 6.53
N ALA A 425 7.23 11.11 7.29
CA ALA A 425 8.17 12.20 7.15
C ALA A 425 9.46 11.57 7.63
N ALA A 426 10.57 12.13 7.18
CA ALA A 426 11.88 11.64 7.60
C ALA A 426 12.62 12.83 8.22
N VAL A 427 13.40 12.55 9.26
CA VAL A 427 14.20 13.55 9.91
C VAL A 427 15.60 12.99 10.14
N PHE A 428 16.62 13.68 9.64
CA PHE A 428 18.01 13.23 9.85
C PHE A 428 18.66 14.23 10.81
N GLY A 429 19.27 13.72 11.87
CA GLY A 429 19.89 14.60 12.83
C GLY A 429 20.21 13.74 14.03
N ARG A 430 20.83 14.33 15.05
CA ARG A 430 21.20 13.56 16.22
C ARG A 430 20.69 14.12 17.57
N ASP A 431 20.38 15.41 17.61
CA ASP A 431 19.91 16.04 18.86
C ASP A 431 18.54 15.54 19.31
N VAL A 432 18.46 14.89 20.48
CA VAL A 432 17.19 14.36 20.98
C VAL A 432 16.04 15.36 21.13
N VAL A 433 16.35 16.59 21.56
CA VAL A 433 15.31 17.58 21.75
C VAL A 433 14.71 17.97 20.44
N LYS A 434 15.55 18.34 19.49
CA LYS A 434 15.06 18.75 18.18
C LYS A 434 14.27 17.60 17.56
N ILE A 435 14.79 16.38 17.71
CA ILE A 435 14.12 15.21 17.14
C ILE A 435 12.75 15.05 17.80
N ARG A 436 12.71 15.12 19.12
CA ARG A 436 11.43 14.97 19.82
C ARG A 436 10.41 16.03 19.39
N ARG A 437 10.87 17.28 19.23
CA ARG A 437 9.95 18.33 18.82
C ARG A 437 9.40 18.00 17.44
N ALA A 438 10.28 17.61 16.52
CA ALA A 438 9.84 17.27 15.16
C ALA A 438 8.82 16.13 15.19
N VAL A 439 9.10 15.13 16.03
CA VAL A 439 8.18 14.00 16.16
C VAL A 439 6.79 14.47 16.62
N ARG A 440 6.74 15.30 17.64
CA ARG A 440 5.46 15.80 18.15
C ARG A 440 4.69 16.66 17.15
N LEU A 441 5.39 17.54 16.45
CA LEU A 441 4.72 18.47 15.55
C LEU A 441 4.46 18.08 14.12
N LEU A 442 5.16 17.06 13.61
CA LEU A 442 4.90 16.64 12.23
C LEU A 442 3.55 15.92 12.19
N GLU A 443 2.63 16.39 11.37
CA GLU A 443 1.31 15.76 11.33
C GLU A 443 1.31 14.60 10.32
N VAL A 444 1.87 13.47 10.73
CA VAL A 444 1.98 12.32 9.85
C VAL A 444 1.76 11.03 10.62
N GLY A 445 1.38 9.99 9.89
CA GLY A 445 1.17 8.70 10.50
C GLY A 445 2.48 8.13 11.03
N ALA A 446 3.60 8.51 10.43
CA ALA A 446 4.89 7.97 10.88
C ALA A 446 6.09 8.86 10.59
N ILE A 447 7.08 8.78 11.47
CA ILE A 447 8.29 9.55 11.32
C ILE A 447 9.52 8.62 11.32
N TYR A 448 10.34 8.73 10.28
CA TYR A 448 11.53 7.90 10.19
C TYR A 448 12.73 8.72 10.60
N ILE A 449 13.36 8.33 11.71
CA ILE A 449 14.53 9.04 12.17
C ILE A 449 15.78 8.43 11.52
N ASN A 450 16.54 9.28 10.85
CA ASN A 450 17.79 8.90 10.18
C ASN A 450 17.67 7.74 9.20
N ASP A 451 16.65 7.79 8.34
CA ASP A 451 16.45 6.76 7.33
C ASP A 451 15.33 7.22 6.44
N MET A 452 15.27 6.67 5.23
CA MET A 452 14.19 7.04 4.33
C MET A 452 12.95 6.26 4.76
N PRO A 453 11.77 6.82 4.50
CA PRO A 453 10.54 6.13 4.88
C PRO A 453 10.44 4.85 4.04
N ARG A 454 10.25 3.71 4.72
CA ARG A 454 10.10 2.42 4.02
C ARG A 454 9.16 1.49 4.81
N HIS A 455 8.02 1.18 4.20
CA HIS A 455 7.04 0.34 4.85
C HIS A 455 7.41 -1.15 4.93
N GLY A 456 8.14 -1.65 3.94
CA GLY A 456 8.53 -3.06 3.96
C GLY A 456 7.33 -3.96 4.11
N ILE A 457 7.42 -4.96 4.95
CA ILE A 457 6.25 -5.84 5.11
C ILE A 457 5.25 -5.34 6.16
N GLY A 458 5.52 -4.15 6.73
CA GLY A 458 4.62 -3.62 7.74
C GLY A 458 5.04 -4.06 9.13
N TYR A 459 6.33 -4.28 9.32
CA TYR A 459 6.83 -4.69 10.62
C TYR A 459 6.42 -3.64 11.66
N TYR A 460 6.32 -2.38 11.21
CA TYR A 460 5.91 -1.25 12.03
C TYR A 460 4.64 -0.71 11.38
N PRO A 461 3.59 -0.40 12.16
CA PRO A 461 2.38 0.09 11.52
C PRO A 461 2.58 1.45 10.84
N PHE A 462 1.81 1.70 9.81
CA PHE A 462 1.93 2.94 9.06
C PHE A 462 0.58 3.26 8.43
N GLY A 463 0.33 4.52 8.13
CA GLY A 463 -0.95 4.94 7.58
C GLY A 463 -1.03 6.46 7.57
N GLY A 464 -2.10 7.00 7.02
CA GLY A 464 -2.15 8.44 6.92
C GLY A 464 -2.88 9.29 7.93
N ARG A 465 -2.58 10.58 7.84
CA ARG A 465 -3.17 11.67 8.63
C ARG A 465 -3.55 12.61 7.49
N LYS A 466 -4.40 13.60 7.77
CA LYS A 466 -4.78 14.57 6.74
C LYS A 466 -5.29 13.86 5.48
N LYS A 467 -4.85 14.27 4.31
CA LYS A 467 -5.38 13.62 3.13
C LYS A 467 -4.76 12.28 2.73
N SER A 468 -3.84 11.82 3.56
CA SER A 468 -3.17 10.56 3.31
C SER A 468 -3.98 9.34 3.74
N GLY A 469 -5.21 9.57 4.23
CA GLY A 469 -6.05 8.46 4.65
C GLY A 469 -6.32 8.27 6.13
N VAL A 470 -6.91 7.12 6.47
CA VAL A 470 -7.25 6.81 7.84
C VAL A 470 -6.96 5.33 8.20
N PHE A 471 -6.60 5.10 9.47
CA PHE A 471 -6.26 3.77 9.98
C PHE A 471 -4.87 3.25 9.60
N ARG A 472 -4.52 2.05 10.08
CA ARG A 472 -3.18 1.51 9.81
C ARG A 472 -3.10 0.09 9.25
N GLU A 473 -2.02 -0.17 8.53
CA GLU A 473 -1.76 -1.52 8.07
C GLU A 473 -0.52 -1.84 8.86
N GLY A 474 -0.17 -3.11 8.94
CA GLY A 474 1.00 -3.49 9.70
C GLY A 474 0.70 -4.79 10.39
N ILE A 475 1.76 -5.53 10.68
CA ILE A 475 1.63 -6.80 11.36
C ILE A 475 0.98 -6.51 12.71
N GLY A 476 -0.18 -7.13 12.95
CA GLY A 476 -0.87 -6.92 14.21
C GLY A 476 -1.92 -5.84 14.18
N TYR A 477 -1.55 -4.63 13.77
CA TYR A 477 -2.49 -3.53 13.74
C TYR A 477 -3.61 -3.65 12.73
N ALA A 478 -3.33 -4.33 11.62
CA ALA A 478 -4.33 -4.48 10.56
C ALA A 478 -5.59 -5.15 11.08
N VAL A 479 -5.46 -5.92 12.16
CA VAL A 479 -6.62 -6.60 12.75
C VAL A 479 -7.77 -5.62 13.05
N GLU A 480 -7.44 -4.37 13.36
CA GLU A 480 -8.47 -3.39 13.71
C GLU A 480 -9.39 -3.05 12.54
N ALA A 481 -8.90 -3.19 11.33
CA ALA A 481 -9.73 -2.86 10.19
C ALA A 481 -10.60 -3.98 9.68
N VAL A 482 -10.27 -5.23 10.02
CA VAL A 482 -11.02 -6.36 9.46
C VAL A 482 -11.67 -7.24 10.49
N THR A 483 -11.78 -6.71 11.69
CA THR A 483 -12.34 -7.41 12.83
C THR A 483 -13.22 -6.41 13.59
N ALA A 484 -14.12 -6.93 14.43
CA ALA A 484 -15.00 -6.09 15.24
C ALA A 484 -14.98 -6.67 16.64
N TYR A 485 -15.19 -5.80 17.63
CA TYR A 485 -15.23 -6.26 19.01
C TYR A 485 -16.58 -6.92 19.28
N LYS A 486 -16.57 -7.84 20.21
CA LYS A 486 -17.79 -8.51 20.63
C LYS A 486 -17.67 -8.43 22.15
N THR A 487 -18.62 -7.78 22.79
CA THR A 487 -18.57 -7.70 24.26
C THR A 487 -19.57 -8.66 24.85
N ILE A 488 -19.16 -9.36 25.90
CA ILE A 488 -20.05 -10.27 26.60
C ILE A 488 -20.12 -9.79 28.08
N VAL A 489 -21.33 -9.43 28.52
CA VAL A 489 -21.53 -8.96 29.90
C VAL A 489 -22.28 -10.04 30.70
N PHE A 490 -21.64 -10.53 31.76
CA PHE A 490 -22.24 -11.55 32.60
C PHE A 490 -22.85 -10.89 33.82
N ASN A 491 -24.06 -11.32 34.19
CA ASN A 491 -24.74 -10.77 35.36
C ASN A 491 -24.91 -11.76 36.49
N TYR A 492 -24.19 -11.54 37.59
CA TYR A 492 -24.30 -12.41 38.76
C TYR A 492 -24.90 -11.63 39.96
N LYS A 493 -25.61 -10.54 39.68
CA LYS A 493 -26.21 -9.73 40.75
C LYS A 493 -27.07 -10.60 41.67
N GLY A 494 -26.72 -10.57 42.95
CA GLY A 494 -27.45 -11.33 43.94
C GLY A 494 -27.37 -12.84 43.82
N LYS A 495 -26.43 -13.35 43.02
CA LYS A 495 -26.36 -14.79 42.86
C LYS A 495 -25.34 -15.46 43.75
N GLY A 496 -24.80 -14.72 44.70
CA GLY A 496 -23.84 -15.30 45.63
C GLY A 496 -22.42 -15.60 45.17
N VAL A 497 -22.00 -15.04 44.05
CA VAL A 497 -20.64 -15.26 43.61
C VAL A 497 -19.79 -14.35 44.50
N TRP A 498 -20.16 -13.07 44.53
CA TRP A 498 -19.48 -12.10 45.39
C TRP A 498 -20.39 -11.77 46.59
N LYS A 499 -19.77 -11.40 47.72
CA LYS A 499 -20.51 -11.03 48.92
C LYS A 499 -20.29 -9.54 49.13
N TYR A 500 -20.96 -8.75 48.28
CA TYR A 500 -20.90 -7.29 48.27
C TYR A 500 -19.53 -6.81 47.85
N GLU A 501 -19.17 -7.04 46.57
CA GLU A 501 -17.88 -6.65 46.00
C GLU A 501 -17.71 -7.26 44.61
PA NAP B . -5.84 4.66 -7.88
O1A NAP B . -6.53 5.55 -6.93
O2A NAP B . -6.17 4.85 -9.32
O5B NAP B . -6.06 3.13 -7.58
C5B NAP B . -7.37 2.80 -7.34
C4B NAP B . -7.62 1.32 -7.15
O4B NAP B . -9.02 1.48 -6.96
C3B NAP B . -7.43 0.63 -8.48
O3B NAP B . -7.35 -0.78 -8.24
C2B NAP B . -8.67 1.00 -9.22
O2B NAP B . -8.93 0.10 -10.31
C1B NAP B . -9.75 1.02 -8.10
N9A NAP B . -10.80 1.99 -8.40
C8A NAP B . -10.76 3.08 -9.26
N7A NAP B . -11.95 3.73 -9.25
C5A NAP B . -12.69 3.04 -8.39
C6A NAP B . -14.00 3.30 -8.04
N6A NAP B . -14.68 4.31 -8.55
N1A NAP B . -14.61 2.45 -7.11
C2A NAP B . -13.93 1.40 -6.57
N3A NAP B . -12.65 1.17 -6.93
C4A NAP B . -12.00 1.97 -7.85
O3 NAP B . -4.26 4.91 -7.77
PN NAP B . -3.02 4.25 -8.42
O1N NAP B . -2.45 5.27 -9.30
O2N NAP B . -3.40 3.04 -9.20
O5D NAP B . -1.99 3.99 -7.17
C5D NAP B . -2.38 4.10 -5.78
C4D NAP B . -2.06 5.45 -5.12
O4D NAP B . -1.63 5.26 -3.75
C3D NAP B . -0.94 6.27 -5.78
O3D NAP B . -1.47 7.01 -6.90
C2D NAP B . -0.47 7.18 -4.61
O2D NAP B . -1.24 8.41 -4.58
C1D NAP B . -0.66 6.32 -3.40
P2B NAP B . -8.49 0.38 -11.88
O1X NAP B . -8.96 1.84 -12.15
O2X NAP B . -7.02 0.14 -11.95
O3X NAP B . -9.34 -0.57 -12.71
P AMP C . -15.02 -17.66 16.58
O1P AMP C . -15.61 -18.75 15.74
O2P AMP C . -14.59 -17.95 17.95
O3P AMP C . -15.98 -16.39 16.54
O5' AMP C . -13.73 -17.27 15.72
C5' AMP C . -12.96 -16.19 16.15
C4' AMP C . -11.69 -16.23 15.36
O4' AMP C . -11.06 -15.02 15.89
C3' AMP C . -10.74 -17.52 15.82
O3' AMP C . -9.88 -17.82 14.63
C2' AMP C . -9.98 -16.85 17.04
O2' AMP C . -8.69 -17.29 17.27
C1' AMP C . -9.92 -15.30 16.67
N9 AMP C . -10.07 -14.44 17.84
C8 AMP C . -10.80 -14.70 18.99
N7 AMP C . -10.80 -13.76 19.95
C5 AMP C . -9.98 -12.83 19.32
C6 AMP C . -9.55 -11.56 19.76
N6 AMP C . -9.95 -11.12 21.00
N1 AMP C . -8.71 -10.83 18.86
C2 AMP C . -8.35 -11.33 17.63
N3 AMP C . -8.73 -12.54 17.14
C4 AMP C . -9.54 -13.22 18.02
O1 G3H D . 2.46 2.57 -1.83
C1 G3H D . 3.62 2.32 -1.54
C2 G3H D . 3.98 1.19 -0.55
O2 G3H D . 3.45 1.54 0.74
C3 G3H D . 5.48 1.04 -0.62
O1P G3H D . 6.18 0.78 0.57
O2P G3H D . 8.33 0.80 -0.70
O3P G3H D . 7.98 -0.77 1.23
O4P G3H D . 8.25 1.70 1.61
P G3H D . 7.79 0.61 0.68
NA NA E . -23.56 1.22 2.45
#